data_3VAG
#
_entry.id   3VAG
#
_cell.length_a   166.825
_cell.length_b   37.499
_cell.length_c   100.925
_cell.angle_alpha   90.00
_cell.angle_beta   125.35
_cell.angle_gamma   90.00
#
_symmetry.space_group_name_H-M   'C 1 2 1'
#
loop_
_entity.id
_entity.type
_entity.pdbx_description
1 polymer 'Splicing factor U2AF 65 kDa subunit'
2 polymer "DNA 5'-D(*U*CP*(BRU)P*UP*UP*UP*U)-3'"
3 non-polymer '1,4-DIETHYLENE DIOXIDE'
4 non-polymer 'SULFATE ION'
5 non-polymer GLYCEROL
6 non-polymer N,N-BIS(3-D-GLUCONAMIDOPROPYL)DEOXYCHOLAMIDE
7 water water
#
loop_
_entity_poly.entity_id
_entity_poly.type
_entity_poly.pdbx_seq_one_letter_code
_entity_poly.pdbx_strand_id
1 'polypeptide(L)'
;GPLGSARRLYVGNIPFGITEEAMMDFFNAQMRLGGLTQAPGNPVLAVQINQDKNFAFLEFRSVDETTQAMAFDGIIFQGQ
SLKIRRPHDYQPLPGAHKLFIGGLPNYLNDDQVKELLTSFGPLKAFNLVKDSATGLSKGYAFCEYVDINVTDQAIAGLNG
MQLGDKKLLVQRAS
;
A,B
2 'polydeoxyribonucleotide' (DU)(DC)(BRU)(DU)(DU)(DU)(DU) P,E
#
# COMPACT_ATOMS: atom_id res chain seq x y z
N GLY A 1 11.34 16.33 13.87
CA GLY A 1 11.03 16.64 15.30
C GLY A 1 11.91 17.74 15.86
N PRO A 2 11.74 18.06 17.16
CA PRO A 2 10.72 17.54 18.08
C PRO A 2 9.27 17.90 17.71
N LEU A 3 9.08 19.00 16.98
CA LEU A 3 7.74 19.51 16.63
C LEU A 3 7.34 19.35 15.16
N GLY A 4 8.20 18.77 14.35
CA GLY A 4 7.85 18.43 12.97
C GLY A 4 6.89 17.26 12.82
N SER A 5 6.28 17.18 11.63
CA SER A 5 5.46 16.06 11.17
C SER A 5 4.12 15.87 11.92
N ALA A 6 3.63 16.91 12.58
CA ALA A 6 2.42 16.79 13.40
C ALA A 6 1.08 16.81 12.64
N ARG A 7 1.11 17.13 11.34
CA ARG A 7 -0.11 17.27 10.54
C ARG A 7 -0.09 16.38 9.28
N ARG A 8 0.72 15.34 9.28
CA ARG A 8 0.83 14.42 8.15
C ARG A 8 0.68 12.98 8.62
N LEU A 9 0.13 12.10 7.77
CA LEU A 9 0.05 10.66 8.05
C LEU A 9 0.47 9.82 6.87
N TYR A 10 1.12 8.69 7.15
CA TYR A 10 1.43 7.68 6.12
C TYR A 10 0.23 6.77 5.87
N VAL A 11 -0.04 6.49 4.59
CA VAL A 11 -1.08 5.53 4.21
C VAL A 11 -0.54 4.49 3.24
N GLY A 12 -0.49 3.23 3.67
CA GLY A 12 -0.02 2.12 2.82
C GLY A 12 -1.10 1.17 2.34
N ASN A 13 -0.77 0.40 1.32
CA ASN A 13 -1.67 -0.59 0.70
C ASN A 13 -2.82 0.07 -0.07
N ILE A 14 -2.54 1.20 -0.71
CA ILE A 14 -3.58 1.94 -1.44
C ILE A 14 -3.92 1.17 -2.73
N PRO A 15 -5.19 1.25 -3.17
CA PRO A 15 -5.62 0.57 -4.39
C PRO A 15 -4.96 1.11 -5.66
N PHE A 16 -4.62 0.20 -6.57
CA PHE A 16 -3.86 0.55 -7.78
C PHE A 16 -4.66 1.46 -8.72
N GLY A 17 -4.00 2.50 -9.24
CA GLY A 17 -4.62 3.47 -10.13
C GLY A 17 -5.43 4.57 -9.47
N ILE A 18 -5.53 4.54 -8.14
CA ILE A 18 -6.31 5.53 -7.40
C ILE A 18 -5.68 6.91 -7.55
N THR A 19 -6.52 7.94 -7.72
CA THR A 19 -6.05 9.32 -7.88
C THR A 19 -5.98 10.05 -6.54
N GLU A 20 -5.20 11.12 -6.50
CA GLU A 20 -5.07 11.94 -5.29
C GLU A 20 -6.41 12.56 -4.89
N GLU A 21 -7.18 12.98 -5.88
CA GLU A 21 -8.53 13.53 -5.70
C GLU A 21 -9.50 12.53 -5.04
N ALA A 22 -9.54 11.30 -5.54
CA ALA A 22 -10.45 10.26 -5.04
C ALA A 22 -10.12 9.82 -3.62
N MET A 23 -8.83 9.77 -3.30
CA MET A 23 -8.38 9.44 -1.96
C MET A 23 -8.74 10.54 -0.95
N MET A 24 -8.55 11.79 -1.35
CA MET A 24 -8.92 12.95 -0.55
C MET A 24 -10.43 12.98 -0.26
N ASP A 25 -11.23 12.69 -1.29
CA ASP A 25 -12.69 12.64 -1.16
C ASP A 25 -13.13 11.52 -0.22
N PHE A 26 -12.49 10.36 -0.32
CA PHE A 26 -12.79 9.23 0.56
C PHE A 26 -12.55 9.59 2.03
N PHE A 27 -11.36 10.11 2.32
CA PHE A 27 -10.98 10.43 3.70
C PHE A 27 -11.79 11.56 4.32
N ASN A 28 -12.10 12.58 3.53
CA ASN A 28 -12.94 13.65 4.00
C ASN A 28 -14.37 13.19 4.33
N ALA A 29 -14.92 12.27 3.52
CA ALA A 29 -16.25 11.70 3.76
C ALA A 29 -16.29 10.82 5.02
N GLN A 30 -15.28 9.98 5.20
CA GLN A 30 -15.16 9.15 6.42
C GLN A 30 -15.02 9.97 7.72
N MET A 31 -14.21 11.03 7.71
CA MET A 31 -14.10 11.92 8.87
C MET A 31 -15.48 12.46 9.30
N ARG A 32 -16.33 12.84 8.33
CA ARG A 32 -17.68 13.35 8.63
C ARG A 32 -18.63 12.27 9.13
N LEU A 33 -18.75 11.18 8.37
CA LEU A 33 -19.62 10.07 8.74
C LEU A 33 -19.26 9.43 10.10
N GLY A 34 -17.97 9.39 10.42
CA GLY A 34 -17.50 8.79 11.67
C GLY A 34 -17.46 9.72 12.87
N GLY A 35 -17.76 11.00 12.66
CA GLY A 35 -17.78 11.99 13.73
C GLY A 35 -16.41 12.40 14.25
N LEU A 36 -15.39 12.33 13.41
CA LEU A 36 -14.02 12.69 13.82
C LEU A 36 -13.62 14.15 13.48
N THR A 37 -14.41 14.82 12.65
CA THR A 37 -14.16 16.21 12.32
CA THR A 37 -14.19 16.23 12.32
C THR A 37 -14.55 17.09 13.51
N GLN A 38 -13.74 18.12 13.75
CA GLN A 38 -13.95 19.05 14.85
C GLN A 38 -14.42 20.43 14.39
N ALA A 39 -14.72 20.59 13.09
CA ALA A 39 -15.29 21.84 12.58
C ALA A 39 -15.88 21.68 11.19
N PRO A 40 -16.74 22.64 10.77
CA PRO A 40 -17.22 22.62 9.38
C PRO A 40 -16.06 22.68 8.38
N GLY A 41 -16.21 21.98 7.27
CA GLY A 41 -15.19 22.01 6.22
C GLY A 41 -14.44 20.71 6.20
N ASN A 42 -13.46 20.62 5.31
CA ASN A 42 -12.70 19.40 5.08
C ASN A 42 -11.41 19.36 5.92
N PRO A 43 -11.25 18.32 6.75
CA PRO A 43 -9.99 18.12 7.48
C PRO A 43 -8.74 17.80 6.64
N VAL A 44 -8.89 17.08 5.52
CA VAL A 44 -7.75 16.74 4.65
C VAL A 44 -7.61 17.80 3.55
N LEU A 45 -6.45 18.44 3.49
CA LEU A 45 -6.17 19.55 2.57
C LEU A 45 -5.51 19.09 1.28
N ALA A 46 -4.79 17.98 1.33
CA ALA A 46 -4.04 17.49 0.17
C ALA A 46 -3.55 16.05 0.38
N VAL A 47 -3.28 15.38 -0.75
CA VAL A 47 -2.78 14.00 -0.78
C VAL A 47 -1.64 13.92 -1.80
N GLN A 48 -0.56 13.22 -1.45
CA GLN A 48 0.58 12.99 -2.36
C GLN A 48 0.79 11.48 -2.53
N ILE A 49 0.80 10.99 -3.77
CA ILE A 49 0.93 9.55 -4.03
C ILE A 49 2.25 9.16 -4.73
N ASN A 50 2.88 8.11 -4.21
CA ASN A 50 3.95 7.40 -4.90
C ASN A 50 3.36 6.14 -5.55
N GLN A 51 3.21 6.18 -6.87
CA GLN A 51 2.53 5.11 -7.61
C GLN A 51 3.39 3.84 -7.70
N ASP A 52 4.69 4.03 -7.92
CA ASP A 52 5.62 2.91 -8.01
C ASP A 52 5.61 2.03 -6.74
N LYS A 53 5.60 2.65 -5.55
CA LYS A 53 5.68 1.92 -4.27
C LYS A 53 4.36 1.87 -3.51
N ASN A 54 3.27 2.29 -4.13
CA ASN A 54 1.94 2.10 -3.58
C ASN A 54 1.67 2.69 -2.18
N PHE A 55 2.07 3.95 -1.97
CA PHE A 55 1.78 4.62 -0.70
C PHE A 55 1.47 6.10 -0.91
N ALA A 56 0.82 6.69 0.10
CA ALA A 56 0.45 8.10 0.09
C ALA A 56 0.78 8.78 1.43
N PHE A 57 0.88 10.10 1.39
CA PHE A 57 0.88 10.94 2.58
C PHE A 57 -0.31 11.89 2.51
N LEU A 58 -1.10 11.93 3.60
CA LEU A 58 -2.21 12.87 3.76
C LEU A 58 -1.72 14.07 4.55
N GLU A 59 -2.21 15.26 4.20
CA GLU A 59 -1.90 16.51 4.89
C GLU A 59 -3.19 17.08 5.51
N PHE A 60 -3.19 17.30 6.82
CA PHE A 60 -4.38 17.75 7.55
C PHE A 60 -4.31 19.23 7.92
N ARG A 61 -5.48 19.83 8.13
CA ARG A 61 -5.57 21.23 8.51
C ARG A 61 -5.18 21.49 9.96
N SER A 62 -5.29 20.46 10.83
CA SER A 62 -5.06 20.65 12.26
C SER A 62 -4.33 19.47 12.89
N VAL A 63 -3.67 19.73 14.02
CA VAL A 63 -2.94 18.71 14.80
C VAL A 63 -3.84 17.59 15.38
N ASP A 64 -4.94 17.97 16.02
CA ASP A 64 -5.84 17.04 16.72
C ASP A 64 -6.62 16.14 15.75
N GLU A 65 -7.01 16.69 14.59
CA GLU A 65 -7.67 15.90 13.56
C GLU A 65 -6.74 14.84 12.94
N THR A 66 -5.45 15.16 12.83
CA THR A 66 -4.45 14.18 12.40
C THR A 66 -4.40 12.98 13.35
N THR A 67 -4.46 13.27 14.66
CA THR A 67 -4.44 12.22 15.69
C THR A 67 -5.68 11.34 15.66
N GLN A 68 -6.85 11.97 15.55
CA GLN A 68 -8.12 11.25 15.44
C GLN A 68 -8.16 10.27 14.25
N ALA A 69 -7.64 10.69 13.10
CA ALA A 69 -7.66 9.89 11.86
C ALA A 69 -6.90 8.56 11.91
N MET A 70 -6.02 8.41 12.90
CA MET A 70 -5.34 7.13 13.15
C MET A 70 -6.27 5.96 13.51
N ALA A 71 -7.48 6.29 13.97
CA ALA A 71 -8.51 5.30 14.27
C ALA A 71 -9.03 4.56 13.03
N PHE A 72 -8.73 5.09 11.83
CA PHE A 72 -9.09 4.44 10.56
C PHE A 72 -8.12 3.33 10.11
N ASP A 73 -7.05 3.05 10.86
CA ASP A 73 -6.14 1.94 10.52
C ASP A 73 -6.93 0.65 10.28
N GLY A 74 -6.69 0.01 9.15
CA GLY A 74 -7.43 -1.20 8.76
C GLY A 74 -8.63 -0.97 7.85
N ILE A 75 -9.06 0.27 7.68
CA ILE A 75 -10.27 0.53 6.89
C ILE A 75 -10.13 0.02 5.45
N ILE A 76 -11.20 -0.57 4.93
CA ILE A 76 -11.18 -1.14 3.59
C ILE A 76 -11.66 -0.12 2.55
N PHE A 77 -10.79 0.09 1.54
CA PHE A 77 -11.03 1.03 0.46
C PHE A 77 -10.80 0.30 -0.86
N GLN A 78 -11.86 0.15 -1.66
CA GLN A 78 -11.86 -0.62 -2.92
C GLN A 78 -11.21 -2.00 -2.78
N GLY A 79 -11.55 -2.73 -1.73
CA GLY A 79 -11.04 -4.08 -1.50
C GLY A 79 -9.72 -4.16 -0.72
N GLN A 80 -9.07 -3.03 -0.50
CA GLN A 80 -7.77 -2.99 0.18
C GLN A 80 -7.86 -2.45 1.62
N SER A 81 -7.27 -3.19 2.55
CA SER A 81 -7.17 -2.75 3.95
C SER A 81 -5.99 -1.79 4.10
N LEU A 82 -6.26 -0.52 4.39
CA LEU A 82 -5.22 0.51 4.43
C LEU A 82 -4.38 0.49 5.74
N LYS A 83 -3.08 0.68 5.61
CA LYS A 83 -2.14 0.73 6.73
C LYS A 83 -1.82 2.19 7.07
N ILE A 84 -2.42 2.70 8.16
CA ILE A 84 -2.28 4.11 8.57
C ILE A 84 -1.28 4.25 9.71
N ARG A 85 -0.24 5.08 9.53
CA ARG A 85 0.86 5.23 10.50
C ARG A 85 1.36 6.69 10.63
N ARG A 86 2.04 6.99 11.73
CA ARG A 86 2.75 8.29 11.84
C ARG A 86 3.90 8.33 10.85
N PRO A 87 4.29 9.54 10.40
CA PRO A 87 5.53 9.67 9.63
C PRO A 87 6.75 9.24 10.46
N HIS A 88 7.75 8.68 9.77
N HIS A 88 7.77 8.67 9.80
CA HIS A 88 9.01 8.23 10.37
CA HIS A 88 8.96 8.21 10.52
C HIS A 88 9.65 9.33 11.24
C HIS A 88 9.65 9.35 11.28
N ASP A 89 9.61 10.57 10.74
CA ASP A 89 10.18 11.73 11.44
C ASP A 89 9.35 12.26 12.61
N TYR A 90 8.15 11.74 12.86
CA TYR A 90 7.34 12.14 14.01
C TYR A 90 7.82 11.42 15.27
N GLN A 91 7.98 12.20 16.35
CA GLN A 91 8.37 11.66 17.66
C GLN A 91 7.57 12.35 18.77
N PRO A 92 7.04 11.56 19.72
CA PRO A 92 6.36 12.16 20.86
C PRO A 92 7.38 12.81 21.80
N LEU A 93 6.93 13.72 22.66
CA LEU A 93 7.85 14.43 23.54
C LEU A 93 8.51 13.47 24.55
N PRO A 94 9.72 13.82 25.05
CA PRO A 94 10.48 12.93 25.91
C PRO A 94 9.78 12.58 27.24
N GLY A 95 9.68 11.30 27.54
CA GLY A 95 8.99 10.82 28.75
C GLY A 95 7.47 10.72 28.64
N ALA A 96 6.93 10.91 27.43
CA ALA A 96 5.48 10.89 27.21
C ALA A 96 4.85 9.54 27.58
N HIS A 97 5.58 8.44 27.37
CA HIS A 97 5.05 7.09 27.61
C HIS A 97 5.98 6.27 28.50
N LYS A 98 6.53 6.91 29.52
CA LYS A 98 7.44 6.26 30.46
C LYS A 98 6.68 5.25 31.30
N LEU A 99 7.27 4.07 31.50
CA LEU A 99 6.69 2.99 32.30
C LEU A 99 7.45 2.75 33.61
N PHE A 100 6.71 2.41 34.66
CA PHE A 100 7.27 1.92 35.92
C PHE A 100 7.13 0.39 35.96
N ILE A 101 8.22 -0.31 36.27
CA ILE A 101 8.22 -1.77 36.46
C ILE A 101 8.54 -2.12 37.91
N GLY A 102 7.60 -2.76 38.61
CA GLY A 102 7.76 -3.14 40.01
C GLY A 102 7.59 -4.63 40.27
N GLY A 103 8.17 -5.09 41.38
CA GLY A 103 8.10 -6.49 41.79
C GLY A 103 9.14 -7.40 41.14
N LEU A 104 10.32 -6.86 40.83
CA LEU A 104 11.41 -7.66 40.25
C LEU A 104 12.29 -8.28 41.36
N PRO A 105 12.78 -9.51 41.14
CA PRO A 105 13.79 -10.06 42.06
C PRO A 105 15.03 -9.17 42.13
N ASN A 106 15.46 -8.84 43.35
CA ASN A 106 16.56 -7.88 43.54
C ASN A 106 17.98 -8.43 43.28
N TYR A 107 18.09 -9.70 42.91
CA TYR A 107 19.40 -10.30 42.57
C TYR A 107 19.71 -10.22 41.07
N LEU A 108 18.74 -9.80 40.26
CA LEU A 108 18.93 -9.65 38.81
C LEU A 108 19.57 -8.31 38.44
N ASN A 109 20.54 -8.34 37.52
CA ASN A 109 21.21 -7.12 37.06
C ASN A 109 20.44 -6.42 35.95
N ASP A 110 20.98 -5.31 35.46
CA ASP A 110 20.33 -4.48 34.41
C ASP A 110 19.99 -5.26 33.14
N ASP A 111 20.97 -5.96 32.60
CA ASP A 111 20.80 -6.65 31.31
C ASP A 111 19.81 -7.83 31.38
N GLN A 112 19.80 -8.53 32.52
CA GLN A 112 18.83 -9.59 32.77
C GLN A 112 17.40 -9.04 32.85
N VAL A 113 17.23 -7.84 33.42
CA VAL A 113 15.90 -7.20 33.46
C VAL A 113 15.51 -6.64 32.08
N LYS A 114 16.47 -6.07 31.36
CA LYS A 114 16.25 -5.57 29.99
C LYS A 114 15.82 -6.68 29.02
N GLU A 115 16.23 -7.91 29.30
CA GLU A 115 15.86 -9.07 28.49
C GLU A 115 14.34 -9.26 28.45
N LEU A 116 13.69 -9.18 29.61
CA LEU A 116 12.24 -9.35 29.68
C LEU A 116 11.50 -8.27 28.87
N LEU A 117 12.00 -7.04 28.94
CA LEU A 117 11.32 -5.88 28.34
C LEU A 117 11.48 -5.78 26.82
N THR A 118 12.67 -6.09 26.33
CA THR A 118 12.98 -5.99 24.90
C THR A 118 12.35 -7.11 24.05
N SER A 119 11.74 -8.11 24.70
CA SER A 119 10.99 -9.11 23.98
C SER A 119 9.74 -8.54 23.27
N PHE A 120 9.24 -7.40 23.75
CA PHE A 120 8.11 -6.70 23.12
C PHE A 120 8.56 -5.71 22.04
N GLY A 121 9.82 -5.30 22.07
CA GLY A 121 10.37 -4.34 21.09
C GLY A 121 11.49 -3.52 21.69
N PRO A 122 12.21 -2.74 20.86
CA PRO A 122 13.36 -1.94 21.33
C PRO A 122 13.02 -0.77 22.27
N LEU A 123 13.92 -0.51 23.21
CA LEU A 123 13.75 0.58 24.18
C LEU A 123 14.59 1.80 23.76
N LYS A 124 14.11 3.00 24.08
CA LYS A 124 14.92 4.20 23.91
C LYS A 124 15.43 4.79 25.23
N ALA A 125 15.02 4.21 26.36
CA ALA A 125 15.58 4.56 27.67
C ALA A 125 15.28 3.44 28.65
N PHE A 126 16.14 3.31 29.66
CA PHE A 126 16.00 2.29 30.69
C PHE A 126 16.88 2.61 31.89
N ASN A 127 16.35 2.44 33.11
CA ASN A 127 17.18 2.45 34.30
C ASN A 127 16.64 1.58 35.44
N LEU A 128 17.52 0.72 35.94
CA LEU A 128 17.22 -0.13 37.09
C LEU A 128 17.74 0.60 38.32
N VAL A 129 16.84 0.89 39.26
CA VAL A 129 17.18 1.68 40.45
C VAL A 129 17.97 0.82 41.44
N LYS A 130 19.13 1.34 41.85
CA LYS A 130 20.06 0.65 42.72
C LYS A 130 20.48 1.53 43.89
N ASP A 131 20.92 0.91 44.96
CA ASP A 131 21.52 1.61 46.08
C ASP A 131 22.94 2.00 45.68
N SER A 132 23.21 3.30 45.58
CA SER A 132 24.48 3.75 45.00
C SER A 132 25.68 3.42 45.89
N ALA A 133 25.48 3.36 47.20
CA ALA A 133 26.54 3.02 48.15
C ALA A 133 27.03 1.56 48.01
N THR A 134 26.10 0.64 47.79
CA THR A 134 26.41 -0.80 47.64
C THR A 134 26.33 -1.32 46.20
N GLY A 135 25.58 -0.63 45.34
CA GLY A 135 25.37 -1.06 43.95
C GLY A 135 24.30 -2.13 43.76
N LEU A 136 23.45 -2.34 44.78
CA LEU A 136 22.47 -3.43 44.76
C LEU A 136 21.06 -2.95 44.38
N SER A 137 20.38 -3.75 43.56
CA SER A 137 19.06 -3.41 43.01
C SER A 137 17.99 -3.26 44.10
N LYS A 138 17.11 -2.28 43.90
CA LYS A 138 15.96 -2.03 44.80
C LYS A 138 14.69 -2.70 44.31
N GLY A 139 14.77 -3.44 43.20
CA GLY A 139 13.65 -4.25 42.71
C GLY A 139 12.64 -3.54 41.83
N TYR A 140 12.98 -2.34 41.36
CA TYR A 140 12.13 -1.62 40.41
C TYR A 140 12.93 -0.85 39.38
N ALA A 141 12.28 -0.55 38.26
CA ALA A 141 12.92 0.03 37.10
C ALA A 141 11.96 0.96 36.35
N PHE A 142 12.52 1.76 35.45
CA PHE A 142 11.79 2.63 34.54
C PHE A 142 12.25 2.38 33.10
N CYS A 143 11.35 2.55 32.13
CA CYS A 143 11.73 2.41 30.72
C CYS A 143 10.78 3.15 29.77
N GLU A 144 11.19 3.28 28.52
CA GLU A 144 10.31 3.80 27.46
C GLU A 144 10.62 3.11 26.11
N TYR A 145 9.58 2.65 25.42
CA TYR A 145 9.76 1.99 24.12
C TYR A 145 9.89 3.01 22.97
N VAL A 146 10.68 2.62 21.95
CA VAL A 146 10.82 3.41 20.72
C VAL A 146 9.47 3.61 20.04
N ASP A 147 8.77 2.50 19.82
CA ASP A 147 7.41 2.55 19.30
C ASP A 147 6.46 2.68 20.48
N ILE A 148 5.73 3.79 20.54
CA ILE A 148 4.82 4.03 21.65
C ILE A 148 3.58 3.14 21.65
N ASN A 149 3.35 2.41 20.55
CA ASN A 149 2.24 1.48 20.43
C ASN A 149 2.55 0.13 21.11
N VAL A 150 3.83 -0.16 21.30
CA VAL A 150 4.31 -1.31 22.07
C VAL A 150 4.03 -1.15 23.57
N THR A 151 3.96 0.09 24.05
CA THR A 151 3.72 0.40 25.45
C THR A 151 2.53 -0.41 26.03
N ASP A 152 1.39 -0.36 25.35
CA ASP A 152 0.19 -1.08 25.78
C ASP A 152 0.28 -2.59 25.66
N GLN A 153 1.07 -3.08 24.70
CA GLN A 153 1.33 -4.52 24.55
C GLN A 153 2.15 -5.06 25.74
N ALA A 154 3.13 -4.27 26.19
CA ALA A 154 3.97 -4.64 27.33
C ALA A 154 3.17 -4.64 28.63
N ILE A 155 2.33 -3.63 28.83
CA ILE A 155 1.44 -3.55 29.98
C ILE A 155 0.50 -4.75 30.05
N ALA A 156 -0.18 -5.03 28.94
CA ALA A 156 -1.08 -6.18 28.82
C ALA A 156 -0.37 -7.52 29.06
N GLY A 157 0.85 -7.67 28.55
CA GLY A 157 1.58 -8.93 28.61
C GLY A 157 2.30 -9.23 29.92
N LEU A 158 2.56 -8.19 30.72
CA LEU A 158 3.37 -8.29 31.95
C LEU A 158 2.68 -7.86 33.25
N ASN A 159 1.70 -6.96 33.18
CA ASN A 159 1.03 -6.48 34.39
C ASN A 159 0.18 -7.56 35.04
N GLY A 160 0.35 -7.71 36.36
CA GLY A 160 -0.39 -8.69 37.15
C GLY A 160 0.06 -10.12 36.96
N MET A 161 1.22 -10.33 36.33
CA MET A 161 1.69 -11.67 35.94
C MET A 161 2.71 -12.19 36.95
N GLN A 162 2.81 -13.52 37.07
CA GLN A 162 3.71 -14.13 38.05
C GLN A 162 5.16 -14.13 37.56
N LEU A 163 6.07 -13.74 38.45
CA LEU A 163 7.51 -13.78 38.20
C LEU A 163 8.16 -14.28 39.48
N GLY A 164 8.33 -15.61 39.57
CA GLY A 164 8.79 -16.25 40.79
C GLY A 164 7.63 -16.37 41.76
N ASP A 165 7.82 -15.87 42.98
CA ASP A 165 6.76 -15.80 43.98
C ASP A 165 6.20 -14.39 44.08
N LYS A 166 6.63 -13.53 43.16
CA LYS A 166 6.16 -12.14 43.08
C LYS A 166 5.22 -11.98 41.89
N LYS A 167 4.34 -10.98 41.98
CA LYS A 167 3.49 -10.55 40.87
C LYS A 167 4.02 -9.23 40.35
N LEU A 168 4.24 -9.14 39.03
CA LEU A 168 4.72 -7.89 38.44
C LEU A 168 3.65 -6.79 38.40
N LEU A 169 4.11 -5.56 38.62
CA LEU A 169 3.31 -4.37 38.36
C LEU A 169 3.98 -3.62 37.22
N VAL A 170 3.22 -3.37 36.15
CA VAL A 170 3.69 -2.58 35.02
C VAL A 170 2.60 -1.54 34.72
N GLN A 171 2.94 -0.26 34.86
CA GLN A 171 2.00 0.83 34.63
C GLN A 171 2.71 2.09 34.18
N ARG A 172 1.96 3.04 33.64
CA ARG A 172 2.52 4.32 33.23
C ARG A 172 3.07 5.07 34.44
N ALA A 173 4.27 5.63 34.26
CA ALA A 173 4.95 6.35 35.33
C ALA A 173 4.22 7.65 35.65
N SER A 174 4.20 7.99 36.93
CA SER A 174 3.71 9.28 37.42
C SER A 174 3.44 9.19 38.92
N GLY B 1 1.25 -0.02 -15.19
CA GLY B 1 0.84 -1.40 -14.78
C GLY B 1 -0.09 -2.05 -15.79
N PRO B 2 -1.02 -2.91 -15.32
CA PRO B 2 -1.97 -3.62 -16.18
C PRO B 2 -3.17 -2.83 -16.74
N LEU B 3 -3.15 -1.49 -16.63
CA LEU B 3 -4.28 -0.67 -17.09
C LEU B 3 -4.22 -0.31 -18.60
N GLY B 4 -3.28 -0.86 -19.35
CA GLY B 4 -3.24 -0.65 -20.80
C GLY B 4 -4.41 -1.34 -21.50
N SER B 5 -4.69 -2.57 -21.05
CA SER B 5 -5.81 -3.35 -21.53
C SER B 5 -7.16 -2.83 -21.05
N ALA B 6 -7.15 -1.96 -20.02
CA ALA B 6 -8.36 -1.30 -19.52
C ALA B 6 -8.74 -0.04 -20.33
N ARG B 7 -7.96 0.27 -21.38
CA ARG B 7 -8.23 1.38 -22.28
C ARG B 7 -8.33 0.93 -23.75
N ARG B 8 -8.63 -0.35 -23.97
CA ARG B 8 -8.79 -0.90 -25.33
C ARG B 8 -10.11 -1.69 -25.45
N LEU B 9 -10.71 -1.69 -26.63
CA LEU B 9 -11.86 -2.56 -26.93
C LEU B 9 -11.70 -3.27 -28.27
N TYR B 10 -12.19 -4.51 -28.33
CA TYR B 10 -12.25 -5.28 -29.57
C TYR B 10 -13.53 -4.92 -30.34
N VAL B 11 -13.42 -4.76 -31.66
CA VAL B 11 -14.55 -4.47 -32.54
C VAL B 11 -14.62 -5.48 -33.68
N GLY B 12 -15.68 -6.29 -33.71
CA GLY B 12 -15.90 -7.30 -34.76
C GLY B 12 -16.95 -6.91 -35.78
N ASN B 13 -16.95 -7.65 -36.90
CA ASN B 13 -17.93 -7.49 -37.98
C ASN B 13 -17.82 -6.16 -38.72
N ILE B 14 -16.59 -5.68 -38.90
CA ILE B 14 -16.36 -4.41 -39.56
C ILE B 14 -16.58 -4.60 -41.07
N PRO B 15 -17.14 -3.58 -41.75
CA PRO B 15 -17.41 -3.66 -43.20
C PRO B 15 -16.14 -3.64 -44.07
N PHE B 16 -16.22 -4.28 -45.24
CA PHE B 16 -15.10 -4.31 -46.21
C PHE B 16 -14.65 -2.90 -46.59
N GLY B 17 -13.33 -2.71 -46.72
CA GLY B 17 -12.76 -1.46 -47.22
C GLY B 17 -12.72 -0.27 -46.28
N ILE B 18 -13.10 -0.48 -45.00
CA ILE B 18 -13.09 0.60 -44.01
C ILE B 18 -11.65 0.97 -43.64
N THR B 19 -11.42 2.26 -43.42
CA THR B 19 -10.11 2.79 -43.03
C THR B 19 -10.10 3.11 -41.53
N GLU B 20 -8.90 3.20 -40.96
CA GLU B 20 -8.72 3.47 -39.53
C GLU B 20 -9.25 4.86 -39.15
N GLU B 21 -8.99 5.85 -40.01
CA GLU B 21 -9.49 7.22 -39.78
C GLU B 21 -11.03 7.32 -39.80
N ALA B 22 -11.68 6.57 -40.68
CA ALA B 22 -13.14 6.55 -40.77
C ALA B 22 -13.80 5.94 -39.52
N MET B 23 -13.20 4.87 -39.01
CA MET B 23 -13.69 4.24 -37.78
C MET B 23 -13.44 5.12 -36.55
N MET B 24 -12.33 5.85 -36.53
CA MET B 24 -12.01 6.76 -35.43
C MET B 24 -13.00 7.94 -35.37
N ASP B 25 -13.37 8.48 -36.53
CA ASP B 25 -14.38 9.56 -36.63
C ASP B 25 -15.78 9.09 -36.19
N PHE B 26 -16.16 7.88 -36.58
CA PHE B 26 -17.46 7.30 -36.21
C PHE B 26 -17.60 7.20 -34.69
N PHE B 27 -16.61 6.60 -34.03
CA PHE B 27 -16.67 6.38 -32.57
C PHE B 27 -16.58 7.68 -31.73
N ASN B 28 -15.76 8.63 -32.14
CA ASN B 28 -15.73 9.94 -31.49
C ASN B 28 -17.09 10.68 -31.59
N ALA B 29 -17.73 10.59 -32.75
CA ALA B 29 -19.03 11.24 -32.97
C ALA B 29 -20.14 10.58 -32.15
N GLN B 30 -20.11 9.26 -32.01
CA GLN B 30 -21.07 8.54 -31.18
C GLN B 30 -20.94 8.92 -29.69
N MET B 31 -19.71 8.98 -29.20
CA MET B 31 -19.43 9.36 -27.81
C MET B 31 -19.92 10.77 -27.48
N ARG B 32 -19.65 11.72 -28.37
CA ARG B 32 -20.11 13.10 -28.20
C ARG B 32 -21.63 13.21 -28.28
N LEU B 33 -22.24 12.43 -29.17
CA LEU B 33 -23.69 12.46 -29.37
C LEU B 33 -24.44 11.89 -28.14
N GLY B 34 -23.92 10.81 -27.57
CA GLY B 34 -24.51 10.20 -26.39
C GLY B 34 -24.27 10.96 -25.09
N GLY B 35 -23.34 11.91 -25.12
CA GLY B 35 -22.90 12.61 -23.91
C GLY B 35 -22.12 11.69 -22.97
N LEU B 36 -21.32 10.79 -23.56
CA LEU B 36 -20.58 9.80 -22.78
C LEU B 36 -19.12 10.22 -22.51
N THR B 37 -18.77 11.44 -22.89
CA THR B 37 -17.43 11.97 -22.68
C THR B 37 -17.36 12.73 -21.34
N GLN B 38 -16.17 12.81 -20.77
CA GLN B 38 -15.97 13.43 -19.45
C GLN B 38 -15.05 14.66 -19.52
N ALA B 39 -14.66 15.05 -20.73
CA ALA B 39 -13.89 16.26 -20.94
C ALA B 39 -14.11 16.70 -22.38
N PRO B 40 -13.66 17.93 -22.72
CA PRO B 40 -13.63 18.32 -24.12
C PRO B 40 -12.62 17.47 -24.91
N GLY B 41 -12.86 17.30 -26.20
CA GLY B 41 -11.92 16.58 -27.07
C GLY B 41 -12.41 15.20 -27.46
N ASN B 42 -11.53 14.44 -28.11
CA ASN B 42 -11.88 13.14 -28.68
C ASN B 42 -11.37 11.98 -27.83
N PRO B 43 -12.30 11.10 -27.35
CA PRO B 43 -11.91 9.98 -26.49
C PRO B 43 -11.06 8.88 -27.14
N VAL B 44 -11.22 8.64 -28.44
CA VAL B 44 -10.47 7.61 -29.15
C VAL B 44 -9.16 8.19 -29.69
N LEU B 45 -8.04 7.67 -29.19
CA LEU B 45 -6.70 8.10 -29.60
C LEU B 45 -6.19 7.43 -30.89
N ALA B 46 -6.57 6.17 -31.11
CA ALA B 46 -6.07 5.40 -32.24
C ALA B 46 -6.89 4.15 -32.49
N VAL B 47 -6.79 3.64 -33.72
CA VAL B 47 -7.45 2.44 -34.19
C VAL B 47 -6.50 1.56 -35.03
N GLN B 48 -6.49 0.25 -34.77
CA GLN B 48 -5.74 -0.71 -35.58
C GLN B 48 -6.67 -1.76 -36.18
N ILE B 49 -6.61 -1.93 -37.50
CA ILE B 49 -7.51 -2.82 -38.23
C ILE B 49 -6.76 -4.01 -38.87
N ASN B 50 -7.30 -5.21 -38.68
CA ASN B 50 -6.90 -6.42 -39.43
C ASN B 50 -7.89 -6.64 -40.57
N GLN B 51 -7.45 -6.42 -41.81
CA GLN B 51 -8.30 -6.51 -43.00
C GLN B 51 -8.72 -7.95 -43.30
N ASP B 52 -7.77 -8.88 -43.23
CA ASP B 52 -8.04 -10.28 -43.57
C ASP B 52 -9.10 -10.91 -42.66
N LYS B 53 -9.14 -10.51 -41.38
CA LYS B 53 -10.04 -11.14 -40.39
C LYS B 53 -11.18 -10.24 -39.88
N ASN B 54 -11.35 -9.06 -40.48
CA ASN B 54 -12.50 -8.18 -40.21
C ASN B 54 -12.70 -7.79 -38.74
N PHE B 55 -11.61 -7.43 -38.06
CA PHE B 55 -11.71 -6.88 -36.71
C PHE B 55 -10.74 -5.70 -36.54
N ALA B 56 -11.01 -4.90 -35.52
CA ALA B 56 -10.16 -3.78 -35.16
C ALA B 56 -10.00 -3.72 -33.66
N PHE B 57 -8.98 -3.00 -33.21
CA PHE B 57 -8.88 -2.56 -31.81
C PHE B 57 -8.93 -1.04 -31.74
N LEU B 58 -9.71 -0.52 -30.78
CA LEU B 58 -9.75 0.91 -30.46
C LEU B 58 -9.00 1.14 -29.18
N GLU B 59 -8.22 2.21 -29.13
CA GLU B 59 -7.53 2.63 -27.92
C GLU B 59 -8.12 3.98 -27.45
N PHE B 60 -8.43 4.07 -26.16
CA PHE B 60 -9.05 5.24 -25.56
C PHE B 60 -8.10 6.03 -24.65
N ARG B 61 -8.45 7.30 -24.40
CA ARG B 61 -7.67 8.16 -23.51
C ARG B 61 -7.92 7.92 -22.01
N SER B 62 -9.06 7.35 -21.63
CA SER B 62 -9.35 7.09 -20.22
C SER B 62 -10.04 5.74 -19.96
N VAL B 63 -9.88 5.26 -18.73
CA VAL B 63 -10.48 4.00 -18.29
C VAL B 63 -12.01 4.08 -18.27
N ASP B 64 -12.57 5.16 -17.74
CA ASP B 64 -14.03 5.29 -17.64
C ASP B 64 -14.77 5.47 -18.98
N GLU B 65 -14.16 6.18 -19.93
CA GLU B 65 -14.76 6.35 -21.26
C GLU B 65 -14.74 5.05 -22.08
N THR B 66 -13.75 4.21 -21.84
CA THR B 66 -13.69 2.89 -22.44
C THR B 66 -14.86 2.03 -21.98
N THR B 67 -15.12 2.07 -20.69
CA THR B 67 -16.23 1.33 -20.08
C THR B 67 -17.58 1.83 -20.59
N GLN B 68 -17.70 3.15 -20.76
CA GLN B 68 -18.88 3.77 -21.38
C GLN B 68 -19.13 3.32 -22.83
N ALA B 69 -18.07 3.15 -23.61
CA ALA B 69 -18.17 2.78 -25.03
C ALA B 69 -18.66 1.34 -25.23
N MET B 70 -18.61 0.56 -24.17
CA MET B 70 -19.16 -0.80 -24.17
C MET B 70 -20.68 -0.82 -24.50
N ALA B 71 -21.37 0.28 -24.25
CA ALA B 71 -22.81 0.41 -24.55
C ALA B 71 -23.14 0.45 -26.04
N PHE B 72 -22.12 0.56 -26.88
CA PHE B 72 -22.27 0.58 -28.33
C PHE B 72 -22.31 -0.81 -28.96
N ASP B 73 -22.27 -1.87 -28.16
CA ASP B 73 -22.43 -3.22 -28.74
C ASP B 73 -23.72 -3.28 -29.57
N GLY B 74 -23.62 -3.75 -30.81
CA GLY B 74 -24.74 -3.83 -31.74
C GLY B 74 -24.97 -2.60 -32.61
N ILE B 75 -24.24 -1.51 -32.34
CA ILE B 75 -24.39 -0.24 -33.09
C ILE B 75 -24.16 -0.44 -34.59
N ILE B 76 -24.93 0.30 -35.40
CA ILE B 76 -24.90 0.15 -36.85
C ILE B 76 -23.87 1.10 -37.50
N PHE B 77 -22.92 0.52 -38.23
CA PHE B 77 -21.94 1.28 -39.01
C PHE B 77 -21.95 0.76 -40.45
N GLN B 78 -22.11 1.66 -41.42
CA GLN B 78 -22.24 1.32 -42.84
C GLN B 78 -23.17 0.14 -43.08
N GLY B 79 -24.37 0.22 -42.49
CA GLY B 79 -25.37 -0.83 -42.63
C GLY B 79 -25.18 -2.09 -41.79
N GLN B 80 -24.05 -2.21 -41.09
CA GLN B 80 -23.71 -3.43 -40.34
C GLN B 80 -23.64 -3.23 -38.82
N SER B 81 -24.01 -4.27 -38.09
CA SER B 81 -24.07 -4.26 -36.63
C SER B 81 -22.72 -4.70 -36.04
N LEU B 82 -22.08 -3.82 -35.28
CA LEU B 82 -20.75 -4.08 -34.73
C LEU B 82 -20.79 -4.84 -33.39
N LYS B 83 -19.83 -5.73 -33.20
CA LYS B 83 -19.69 -6.50 -31.98
C LYS B 83 -18.57 -5.91 -31.13
N ILE B 84 -18.93 -5.41 -29.95
CA ILE B 84 -18.00 -4.71 -29.05
C ILE B 84 -17.77 -5.56 -27.80
N ARG B 85 -16.51 -5.85 -27.50
CA ARG B 85 -16.12 -6.71 -26.39
C ARG B 85 -14.82 -6.20 -25.75
N ARG B 86 -14.57 -6.63 -24.52
CA ARG B 86 -13.29 -6.41 -23.85
C ARG B 86 -12.18 -7.22 -24.50
N PRO B 87 -10.92 -6.76 -24.37
CA PRO B 87 -9.81 -7.62 -24.78
C PRO B 87 -9.75 -8.88 -23.91
N HIS B 88 -9.19 -9.97 -24.46
CA HIS B 88 -9.12 -11.24 -23.73
C HIS B 88 -8.21 -11.16 -22.49
N ASP B 89 -7.27 -10.22 -22.44
CA ASP B 89 -6.44 -10.05 -21.24
C ASP B 89 -6.83 -8.85 -20.37
N TYR B 90 -8.07 -8.37 -20.51
CA TYR B 90 -8.61 -7.35 -19.62
C TYR B 90 -8.65 -7.86 -18.17
N GLN B 91 -8.29 -6.99 -17.22
CA GLN B 91 -8.33 -7.32 -15.81
C GLN B 91 -9.44 -6.54 -15.10
N PRO B 92 -10.56 -7.22 -14.76
CA PRO B 92 -11.64 -6.60 -14.00
C PRO B 92 -11.18 -6.07 -12.65
N LEU B 93 -10.40 -6.89 -11.94
CA LEU B 93 -9.79 -6.51 -10.66
C LEU B 93 -8.30 -6.20 -10.85
N PRO B 94 -7.95 -4.92 -11.07
CA PRO B 94 -6.53 -4.53 -11.20
C PRO B 94 -5.65 -4.90 -10.01
N GLY B 95 -4.40 -5.21 -10.28
CA GLY B 95 -3.43 -5.59 -9.26
C GLY B 95 -3.56 -7.01 -8.72
N ALA B 96 -4.46 -7.80 -9.31
CA ALA B 96 -4.74 -9.15 -8.83
C ALA B 96 -3.56 -10.12 -9.00
N HIS B 97 -2.60 -9.79 -9.87
CA HIS B 97 -1.49 -10.72 -10.15
C HIS B 97 -0.14 -10.09 -9.85
N LYS B 98 -0.16 -9.03 -9.06
CA LYS B 98 1.06 -8.45 -8.50
C LYS B 98 1.60 -9.41 -7.45
N LEU B 99 2.91 -9.67 -7.49
CA LEU B 99 3.58 -10.58 -6.57
C LEU B 99 4.43 -9.86 -5.53
N PHE B 100 4.47 -10.42 -4.32
CA PHE B 100 5.41 -10.06 -3.27
C PHE B 100 6.51 -11.13 -3.25
N ILE B 101 7.77 -10.67 -3.22
CA ILE B 101 8.94 -11.55 -3.08
C ILE B 101 9.70 -11.18 -1.81
N GLY B 102 9.70 -12.08 -0.83
CA GLY B 102 10.33 -11.85 0.47
C GLY B 102 11.41 -12.88 0.76
N GLY B 103 12.29 -12.56 1.71
CA GLY B 103 13.36 -13.47 2.12
C GLY B 103 14.57 -13.45 1.21
N LEU B 104 14.75 -12.34 0.49
CA LEU B 104 15.90 -12.15 -0.39
C LEU B 104 17.15 -11.81 0.43
N PRO B 105 18.32 -12.37 0.03
CA PRO B 105 19.59 -11.89 0.59
C PRO B 105 19.75 -10.38 0.41
N ASN B 106 20.22 -9.68 1.45
CA ASN B 106 20.25 -8.22 1.47
C ASN B 106 21.33 -7.55 0.60
N TYR B 107 22.21 -8.35 0.01
CA TYR B 107 23.29 -7.83 -0.84
C TYR B 107 22.92 -7.81 -2.34
N LEU B 108 21.82 -8.49 -2.70
CA LEU B 108 21.37 -8.53 -4.09
C LEU B 108 20.76 -7.19 -4.51
N ASN B 109 21.11 -6.75 -5.73
CA ASN B 109 20.58 -5.49 -6.29
C ASN B 109 19.44 -5.76 -7.28
N ASP B 110 18.90 -4.68 -7.88
CA ASP B 110 17.73 -4.75 -8.79
C ASP B 110 17.89 -5.74 -9.94
N ASP B 111 18.95 -5.58 -10.73
CA ASP B 111 19.16 -6.46 -11.90
C ASP B 111 19.40 -7.93 -11.54
N GLN B 112 19.98 -8.18 -10.37
CA GLN B 112 20.21 -9.54 -9.88
C GLN B 112 18.89 -10.21 -9.51
N VAL B 113 18.04 -9.49 -8.77
CA VAL B 113 16.71 -10.01 -8.40
C VAL B 113 15.80 -10.23 -9.65
N LYS B 114 15.86 -9.32 -10.63
CA LYS B 114 15.11 -9.48 -11.89
C LYS B 114 15.53 -10.71 -12.69
N GLU B 115 16.82 -11.05 -12.64
CA GLU B 115 17.34 -12.21 -13.35
C GLU B 115 16.78 -13.53 -12.80
N LEU B 116 16.59 -13.59 -11.49
CA LEU B 116 15.87 -14.68 -10.85
C LEU B 116 14.40 -14.78 -11.32
N LEU B 117 13.75 -13.62 -11.49
CA LEU B 117 12.34 -13.58 -11.89
C LEU B 117 12.10 -13.83 -13.39
N THR B 118 12.97 -13.30 -14.26
CA THR B 118 12.73 -13.33 -15.71
C THR B 118 13.06 -14.67 -16.38
N SER B 119 13.45 -15.68 -15.60
CA SER B 119 13.58 -17.04 -16.13
C SER B 119 12.21 -17.62 -16.52
N PHE B 120 11.14 -17.09 -15.93
CA PHE B 120 9.77 -17.50 -16.25
C PHE B 120 9.09 -16.68 -17.34
N GLY B 121 9.65 -15.52 -17.69
CA GLY B 121 9.09 -14.67 -18.73
C GLY B 121 9.34 -13.20 -18.46
N PRO B 122 9.05 -12.33 -19.44
CA PRO B 122 9.30 -10.89 -19.26
C PRO B 122 8.38 -10.22 -18.25
N LEU B 123 8.90 -9.19 -17.57
CA LEU B 123 8.14 -8.42 -16.57
C LEU B 123 7.59 -7.13 -17.16
N LYS B 124 6.42 -6.69 -16.67
CA LYS B 124 5.92 -5.35 -17.00
C LYS B 124 6.16 -4.33 -15.88
N ALA B 125 6.34 -4.80 -14.64
CA ALA B 125 6.66 -3.94 -13.51
C ALA B 125 7.59 -4.66 -12.52
N PHE B 126 8.48 -3.89 -11.89
CA PHE B 126 9.37 -4.42 -10.85
C PHE B 126 9.86 -3.29 -9.92
N ASN B 127 9.94 -3.55 -8.63
CA ASN B 127 10.67 -2.69 -7.70
C ASN B 127 11.26 -3.45 -6.49
N LEU B 128 12.51 -3.12 -6.14
CA LEU B 128 13.16 -3.62 -4.94
C LEU B 128 13.12 -2.51 -3.87
N VAL B 129 12.60 -2.84 -2.68
CA VAL B 129 12.46 -1.86 -1.61
C VAL B 129 13.80 -1.66 -0.89
N LYS B 130 14.21 -0.40 -0.80
CA LYS B 130 15.47 -0.02 -0.16
C LYS B 130 15.23 1.05 0.91
N ASP B 131 16.12 1.09 1.90
CA ASP B 131 16.12 2.13 2.92
C ASP B 131 16.62 3.43 2.31
N SER B 132 15.80 4.48 2.40
CA SER B 132 16.10 5.77 1.77
C SER B 132 17.38 6.43 2.27
N ALA B 133 17.76 6.16 3.52
CA ALA B 133 18.90 6.80 4.17
C ALA B 133 20.25 6.21 3.73
N THR B 134 20.29 4.88 3.57
CA THR B 134 21.53 4.17 3.24
C THR B 134 21.55 3.61 1.81
N GLY B 135 20.40 3.57 1.15
CA GLY B 135 20.29 2.97 -0.18
C GLY B 135 20.35 1.45 -0.18
N LEU B 136 20.08 0.85 0.98
CA LEU B 136 20.32 -0.56 1.22
C LEU B 136 19.01 -1.36 1.18
N SER B 137 19.05 -2.50 0.50
CA SER B 137 17.89 -3.39 0.38
C SER B 137 17.28 -3.78 1.73
N LYS B 138 15.96 -3.68 1.82
CA LYS B 138 15.20 -4.16 2.96
C LYS B 138 14.88 -5.64 2.83
N GLY B 139 15.23 -6.23 1.69
CA GLY B 139 15.12 -7.67 1.51
C GLY B 139 13.81 -8.17 0.95
N TYR B 140 13.00 -7.28 0.37
CA TYR B 140 11.80 -7.70 -0.35
C TYR B 140 11.49 -6.83 -1.56
N ALA B 141 10.70 -7.39 -2.47
CA ALA B 141 10.43 -6.82 -3.78
C ALA B 141 9.00 -7.10 -4.25
N PHE B 142 8.59 -6.39 -5.30
CA PHE B 142 7.28 -6.61 -5.94
C PHE B 142 7.46 -6.69 -7.44
N CYS B 143 6.62 -7.46 -8.13
CA CYS B 143 6.64 -7.48 -9.61
C CYS B 143 5.30 -7.88 -10.27
N GLU B 144 5.21 -7.71 -11.59
CA GLU B 144 4.07 -8.19 -12.40
C GLU B 144 4.57 -8.66 -13.76
N TYR B 145 4.18 -9.88 -14.16
CA TYR B 145 4.56 -10.43 -15.47
C TYR B 145 3.74 -9.83 -16.61
N VAL B 146 4.34 -9.77 -17.80
CA VAL B 146 3.65 -9.26 -18.99
C VAL B 146 2.45 -10.15 -19.35
N ASP B 147 2.68 -11.47 -19.34
CA ASP B 147 1.62 -12.46 -19.51
C ASP B 147 1.18 -12.95 -18.12
N ILE B 148 -0.04 -12.64 -17.72
CA ILE B 148 -0.51 -12.97 -16.37
C ILE B 148 -0.65 -14.47 -16.10
N ASN B 149 -0.70 -15.27 -17.16
CA ASN B 149 -0.81 -16.74 -17.03
C ASN B 149 0.48 -17.41 -16.55
N VAL B 150 1.57 -16.64 -16.49
CA VAL B 150 2.88 -17.10 -15.98
C VAL B 150 3.02 -16.94 -14.46
N THR B 151 2.14 -16.14 -13.86
CA THR B 151 2.18 -15.81 -12.43
C THR B 151 2.24 -17.04 -11.51
N ASP B 152 1.36 -18.01 -11.76
CA ASP B 152 1.28 -19.20 -10.91
C ASP B 152 2.42 -20.20 -11.18
N GLN B 153 3.00 -20.15 -12.38
CA GLN B 153 4.21 -20.93 -12.71
C GLN B 153 5.38 -20.42 -11.87
N ALA B 154 5.50 -19.09 -11.74
CA ALA B 154 6.58 -18.47 -10.97
C ALA B 154 6.46 -18.75 -9.47
N ILE B 155 5.25 -18.65 -8.92
CA ILE B 155 5.02 -18.98 -7.50
C ILE B 155 5.39 -20.44 -7.20
N ALA B 156 4.93 -21.36 -8.05
CA ALA B 156 5.25 -22.77 -7.88
C ALA B 156 6.76 -23.05 -7.99
N GLY B 157 7.43 -22.34 -8.90
CA GLY B 157 8.88 -22.51 -9.11
C GLY B 157 9.78 -21.84 -8.08
N LEU B 158 9.38 -20.67 -7.59
CA LEU B 158 10.23 -19.88 -6.68
C LEU B 158 9.88 -19.99 -5.19
N ASN B 159 8.60 -20.14 -4.87
CA ASN B 159 8.17 -20.12 -3.47
C ASN B 159 8.78 -21.27 -2.67
N GLY B 160 9.49 -20.92 -1.60
CA GLY B 160 10.15 -21.91 -0.74
C GLY B 160 11.54 -22.32 -1.18
N MET B 161 12.03 -21.75 -2.29
CA MET B 161 13.37 -22.03 -2.81
C MET B 161 14.42 -21.54 -1.82
N GLN B 162 15.39 -22.40 -1.49
CA GLN B 162 16.55 -22.02 -0.69
C GLN B 162 17.48 -21.18 -1.56
N LEU B 163 17.74 -19.94 -1.13
CA LEU B 163 18.56 -19.00 -1.87
C LEU B 163 19.74 -18.59 -1.01
N GLY B 164 20.79 -19.41 -1.05
CA GLY B 164 21.94 -19.23 -0.19
C GLY B 164 21.62 -19.59 1.25
N ASP B 165 21.51 -18.57 2.10
CA ASP B 165 21.27 -18.73 3.53
C ASP B 165 19.77 -18.62 3.87
N LYS B 166 18.96 -18.18 2.91
CA LYS B 166 17.58 -17.80 3.18
C LYS B 166 16.59 -18.61 2.35
N LYS B 167 15.34 -18.65 2.81
CA LYS B 167 14.23 -19.28 2.07
C LYS B 167 13.30 -18.19 1.52
N LEU B 168 13.00 -18.27 0.22
CA LEU B 168 12.13 -17.31 -0.46
C LEU B 168 10.64 -17.52 -0.18
N LEU B 169 9.93 -16.40 0.01
CA LEU B 169 8.46 -16.40 0.03
C LEU B 169 7.97 -15.65 -1.21
N VAL B 170 7.26 -16.36 -2.08
CA VAL B 170 6.68 -15.76 -3.28
C VAL B 170 5.17 -16.02 -3.26
N GLN B 171 4.39 -14.94 -3.19
CA GLN B 171 2.94 -15.00 -3.11
C GLN B 171 2.31 -13.75 -3.75
N ARG B 172 1.02 -13.82 -4.07
CA ARG B 172 0.29 -12.62 -4.54
C ARG B 172 0.32 -11.56 -3.45
N ALA B 173 0.62 -10.33 -3.84
CA ALA B 173 0.74 -9.23 -2.89
C ALA B 173 -0.62 -8.87 -2.31
N SER B 174 -1.67 -9.07 -3.10
CA SER B 174 -3.03 -8.61 -2.80
C SER B 174 -3.08 -7.10 -2.99
#